data_4LSC
#
_entry.id   4LSC
#
_cell.length_a   72.630
_cell.length_b   72.630
_cell.length_c   80.970
_cell.angle_alpha   90.00
_cell.angle_beta   90.00
_cell.angle_gamma   120.00
#
_symmetry.space_group_name_H-M   'P 61'
#
loop_
_entity.id
_entity.type
_entity.pdbx_description
1 polymer 'Somatic embryogenesis receptor kinase 1'
2 branched beta-D-mannopyranose-(1-4)-2-acetamido-2-deoxy-beta-D-glucopyranose-(1-4)-[alpha-L-fucopyranose-(1-6)]2-acetamido-2-deoxy-beta-D-glucopyranose
3 non-polymer 2-acetamido-2-deoxy-beta-D-glucopyranose
4 water water
#
_entity_poly.entity_id   1
_entity_poly.type   'polypeptide(L)'
_entity_poly.pdbx_seq_one_letter_code
;AGSSMASANLEGDALHTLRVTLVDPNNVLQSWDPTLVNPCTWFHVTCNNENSVIRVDLGNAELSGHLVPELGVLKNLQYL
ELYSNNITGPIPSNLGDLTNLVSLDLYLNSFSGPIPESLGKLSKLRFLRLNNNSLTGSIPMSLTQITTLQVLDLSNNRLS
GSVPDNGSFSLFTPISFANNLDLCGPVTSHPCPGSLENLYFQGAWSHPQFEKGSHHHHHHHHH
;
_entity_poly.pdbx_strand_id   A
#
loop_
_chem_comp.id
_chem_comp.type
_chem_comp.name
_chem_comp.formula
BMA D-saccharide, beta linking beta-D-mannopyranose 'C6 H12 O6'
FUC L-saccharide, alpha linking alpha-L-fucopyranose 'C6 H12 O5'
NAG D-saccharide, beta linking 2-acetamido-2-deoxy-beta-D-glucopyranose 'C8 H15 N O6'
#
# COMPACT_ATOMS: atom_id res chain seq x y z
N ASN A 9 -16.12 10.56 -15.71
CA ASN A 9 -14.74 10.31 -15.29
C ASN A 9 -14.70 9.62 -13.93
N LEU A 10 -14.95 8.31 -13.93
CA LEU A 10 -14.93 7.48 -12.72
C LEU A 10 -13.62 7.59 -11.92
N GLU A 11 -12.52 7.59 -12.63
CA GLU A 11 -11.23 7.69 -11.96
C GLU A 11 -11.05 9.04 -11.28
N GLY A 12 -11.51 10.09 -11.92
CA GLY A 12 -11.42 11.38 -11.28
C GLY A 12 -12.33 11.48 -10.08
N ASP A 13 -13.48 10.85 -10.15
CA ASP A 13 -14.41 10.89 -9.03
C ASP A 13 -13.81 10.14 -7.85
N ALA A 14 -13.14 9.02 -8.14
CA ALA A 14 -12.53 8.25 -7.08
C ALA A 14 -11.41 9.03 -6.42
N LEU A 15 -10.56 9.67 -7.21
CA LEU A 15 -9.47 10.44 -6.65
C LEU A 15 -9.98 11.67 -5.90
N HIS A 16 -11.06 12.28 -6.39
CA HIS A 16 -11.60 13.40 -5.63
C HIS A 16 -12.11 12.94 -4.27
N THR A 17 -12.72 11.76 -4.25
CA THR A 17 -13.20 11.19 -2.98
C THR A 17 -12.03 10.99 -2.01
N LEU A 18 -10.90 10.54 -2.52
CA LEU A 18 -9.66 10.42 -1.73
C LEU A 18 -9.26 11.78 -1.18
N ARG A 19 -9.30 12.82 -2.01
CA ARG A 19 -8.97 14.14 -1.54
C ARG A 19 -9.87 14.57 -0.38
N VAL A 20 -11.15 14.27 -0.47
CA VAL A 20 -12.10 14.73 0.56
C VAL A 20 -11.70 14.10 1.91
N THR A 21 -11.33 12.83 1.89
CA THR A 21 -11.07 12.07 3.08
CA THR A 21 -11.07 12.08 3.11
C THR A 21 -9.63 12.21 3.60
N LEU A 22 -8.71 12.59 2.72
CA LEU A 22 -7.39 12.91 3.21
C LEU A 22 -7.39 14.30 3.86
N VAL A 23 -6.46 14.48 4.78
CA VAL A 23 -6.22 15.75 5.44
C VAL A 23 -4.95 16.35 4.86
N ASP A 24 -5.10 17.54 4.33
CA ASP A 24 -4.15 18.16 3.43
C ASP A 24 -3.93 19.63 3.82
N PRO A 25 -3.16 19.87 4.90
CA PRO A 25 -3.01 21.26 5.37
C PRO A 25 -2.40 22.23 4.36
N ASN A 26 -1.47 21.73 3.55
CA ASN A 26 -0.80 22.55 2.55
C ASN A 26 -1.55 22.67 1.25
N ASN A 27 -2.67 21.98 1.13
CA ASN A 27 -3.47 22.01 -0.10
C ASN A 27 -2.64 21.54 -1.29
N VAL A 28 -1.88 20.47 -1.07
CA VAL A 28 -1.09 19.77 -2.09
CA VAL A 28 -1.08 19.89 -2.15
C VAL A 28 -1.99 19.29 -3.23
N LEU A 29 -3.24 19.01 -2.87
CA LEU A 29 -4.23 18.46 -3.81
C LEU A 29 -5.16 19.52 -4.38
N GLN A 30 -4.75 20.80 -4.31
CA GLN A 30 -5.55 21.90 -4.80
C GLN A 30 -5.99 21.75 -6.25
N SER A 31 -5.13 21.13 -7.05
CA SER A 31 -5.37 21.01 -8.48
C SER A 31 -6.36 19.88 -8.81
N TRP A 32 -6.74 19.12 -7.80
CA TRP A 32 -7.58 17.94 -8.02
C TRP A 32 -9.01 18.41 -8.19
N ASP A 33 -9.23 19.00 -9.36
CA ASP A 33 -10.51 19.61 -9.71
CA ASP A 33 -10.51 19.62 -9.73
C ASP A 33 -11.35 18.60 -10.51
N PRO A 34 -12.44 18.11 -9.90
CA PRO A 34 -13.16 17.02 -10.56
C PRO A 34 -14.03 17.46 -11.75
N THR A 35 -14.09 18.75 -12.01
CA THR A 35 -14.86 19.25 -13.15
C THR A 35 -14.14 19.00 -14.47
N LEU A 36 -12.87 18.60 -14.37
CA LEU A 36 -12.04 18.35 -15.53
C LEU A 36 -12.42 17.02 -16.19
N VAL A 37 -12.13 16.91 -17.49
CA VAL A 37 -12.47 15.74 -18.29
C VAL A 37 -11.87 14.47 -17.70
N ASN A 38 -10.68 14.62 -17.12
CA ASN A 38 -10.05 13.52 -16.44
C ASN A 38 -9.02 14.09 -15.45
N PRO A 39 -8.47 13.23 -14.61
CA PRO A 39 -7.50 13.71 -13.61
C PRO A 39 -6.05 13.73 -14.09
N CYS A 40 -5.82 13.54 -15.39
CA CYS A 40 -4.47 13.34 -15.88
C CYS A 40 -3.59 14.59 -15.78
N THR A 41 -4.20 15.78 -15.78
CA THR A 41 -3.44 17.01 -15.60
C THR A 41 -3.25 17.39 -14.13
N TRP A 42 -3.90 16.68 -13.22
CA TRP A 42 -3.76 16.99 -11.80
C TRP A 42 -2.33 16.76 -11.33
N PHE A 43 -1.88 17.59 -10.39
CA PHE A 43 -0.54 17.42 -9.84
C PHE A 43 -0.45 16.06 -9.14
N HIS A 44 0.69 15.39 -9.33
CA HIS A 44 0.97 14.12 -8.65
C HIS A 44 0.19 12.93 -9.21
N VAL A 45 -0.52 13.13 -10.33
CA VAL A 45 -1.22 12.03 -11.00
C VAL A 45 -0.64 11.88 -12.39
N THR A 46 -0.33 10.64 -12.79
CA THR A 46 0.18 10.35 -14.12
C THR A 46 -0.74 9.35 -14.79
N CYS A 47 -1.06 9.61 -16.05
CA CYS A 47 -1.87 8.70 -16.86
C CYS A 47 -1.04 8.05 -17.95
N ASN A 48 -1.55 6.95 -18.47
CA ASN A 48 -0.99 6.32 -19.66
C ASN A 48 -1.47 7.04 -20.91
N ASN A 49 -1.10 6.54 -22.08
CA ASN A 49 -1.47 7.17 -23.34
C ASN A 49 -2.98 7.14 -23.63
N GLU A 50 -3.70 6.29 -22.90
CA GLU A 50 -5.16 6.21 -23.01
C GLU A 50 -5.89 7.04 -21.96
N ASN A 51 -5.15 7.91 -21.27
CA ASN A 51 -5.73 8.85 -20.29
C ASN A 51 -6.36 8.13 -19.11
N SER A 52 -5.74 7.03 -18.72
CA SER A 52 -6.15 6.27 -17.54
C SER A 52 -5.05 6.35 -16.50
N VAL A 53 -5.43 6.52 -15.23
CA VAL A 53 -4.45 6.76 -14.18
C VAL A 53 -3.55 5.54 -13.93
N ILE A 54 -2.24 5.75 -13.97
CA ILE A 54 -1.27 4.71 -13.69
C ILE A 54 -0.37 5.00 -12.45
N ARG A 55 -0.28 6.27 -12.04
CA ARG A 55 0.53 6.60 -10.85
C ARG A 55 -0.17 7.66 -10.01
N VAL A 56 -0.14 7.45 -8.69
CA VAL A 56 -0.41 8.49 -7.70
C VAL A 56 0.87 8.61 -6.85
N ASP A 57 1.52 9.77 -6.94
CA ASP A 57 2.82 9.99 -6.32
C ASP A 57 2.68 11.07 -5.26
N LEU A 58 2.37 10.63 -4.02
CA LEU A 58 2.13 11.56 -2.93
C LEU A 58 3.03 11.26 -1.72
N GLY A 59 4.22 10.72 -2.01
CA GLY A 59 5.20 10.56 -0.95
C GLY A 59 5.65 11.86 -0.35
N ASN A 60 5.80 11.86 0.96
CA ASN A 60 6.33 13.01 1.69
CA ASN A 60 6.30 13.00 1.72
C ASN A 60 5.55 14.30 1.44
N ALA A 61 4.22 14.19 1.46
CA ALA A 61 3.35 15.30 1.08
C ALA A 61 2.60 15.92 2.25
N GLU A 62 2.93 15.52 3.47
CA GLU A 62 2.33 16.08 4.68
C GLU A 62 0.79 15.88 4.66
N LEU A 63 0.40 14.64 4.43
CA LEU A 63 -1.01 14.25 4.41
C LEU A 63 -1.37 13.42 5.64
N SER A 64 -2.61 13.53 6.07
CA SER A 64 -3.11 12.59 7.10
C SER A 64 -4.52 12.16 6.70
N GLY A 65 -5.36 11.80 7.65
CA GLY A 65 -6.69 11.25 7.37
C GLY A 65 -6.58 9.79 7.01
N HIS A 66 -7.51 9.27 6.21
CA HIS A 66 -7.46 7.87 5.84
CA HIS A 66 -7.51 7.87 5.86
C HIS A 66 -7.75 7.67 4.36
N LEU A 67 -7.56 6.44 3.89
CA LEU A 67 -7.81 6.07 2.52
C LEU A 67 -9.28 5.70 2.33
N VAL A 68 -9.67 5.43 1.09
CA VAL A 68 -11.04 5.16 0.73
C VAL A 68 -11.09 3.89 -0.15
N PRO A 69 -12.20 3.14 -0.08
CA PRO A 69 -12.26 1.97 -0.95
C PRO A 69 -12.43 2.33 -2.42
N GLU A 70 -12.79 3.57 -2.72
CA GLU A 70 -12.92 3.99 -4.10
C GLU A 70 -11.62 3.89 -4.88
N LEU A 71 -10.48 3.82 -4.20
CA LEU A 71 -9.21 3.57 -4.90
C LEU A 71 -9.30 2.34 -5.79
N GLY A 72 -10.13 1.38 -5.39
CA GLY A 72 -10.26 0.12 -6.11
C GLY A 72 -10.77 0.21 -7.52
N VAL A 73 -11.33 1.34 -7.92
CA VAL A 73 -11.82 1.46 -9.29
C VAL A 73 -10.73 1.91 -10.28
N LEU A 74 -9.54 2.23 -9.75
CA LEU A 74 -8.40 2.63 -10.61
C LEU A 74 -7.74 1.40 -11.24
N LYS A 75 -8.44 0.80 -12.19
CA LYS A 75 -8.09 -0.50 -12.74
C LYS A 75 -6.68 -0.58 -13.34
N ASN A 76 -6.17 0.52 -13.84
CA ASN A 76 -4.85 0.53 -14.47
C ASN A 76 -3.74 1.03 -13.56
N LEU A 77 -4.05 1.33 -12.31
CA LEU A 77 -3.04 1.90 -11.42
C LEU A 77 -1.87 0.93 -11.28
N GLN A 78 -0.66 1.48 -11.46
CA GLN A 78 0.58 0.71 -11.30
CA GLN A 78 0.61 0.74 -11.34
C GLN A 78 1.37 1.08 -10.07
N TYR A 79 1.28 2.35 -9.67
CA TYR A 79 2.02 2.87 -8.51
C TYR A 79 1.12 3.58 -7.56
N LEU A 80 1.12 3.13 -6.31
CA LEU A 80 0.44 3.85 -5.23
C LEU A 80 1.52 4.23 -4.23
N GLU A 81 2.00 5.47 -4.33
CA GLU A 81 3.14 5.96 -3.55
C GLU A 81 2.61 6.97 -2.52
N LEU A 82 2.44 6.49 -1.29
CA LEU A 82 1.80 7.31 -0.23
C LEU A 82 2.68 7.34 1.01
N TYR A 83 3.94 6.96 0.85
CA TYR A 83 4.87 6.81 1.96
C TYR A 83 5.20 8.15 2.60
N SER A 84 5.68 8.09 3.86
CA SER A 84 6.14 9.26 4.58
C SER A 84 5.07 10.35 4.67
N ASN A 85 3.92 9.93 5.18
CA ASN A 85 2.84 10.83 5.54
C ASN A 85 2.38 10.44 6.94
N ASN A 86 1.17 10.83 7.36
CA ASN A 86 0.63 10.38 8.64
C ASN A 86 -0.77 9.83 8.42
N ILE A 87 -0.94 9.04 7.36
CA ILE A 87 -2.22 8.46 7.02
C ILE A 87 -2.56 7.35 8.02
N THR A 88 -3.81 7.35 8.44
CA THR A 88 -4.30 6.47 9.51
C THR A 88 -5.40 5.58 8.98
N GLY A 89 -5.94 4.76 9.86
CA GLY A 89 -6.97 3.81 9.49
C GLY A 89 -6.40 2.56 8.87
N PRO A 90 -7.31 1.70 8.40
CA PRO A 90 -6.89 0.46 7.77
C PRO A 90 -6.49 0.61 6.31
N ILE A 91 -5.66 -0.31 5.84
CA ILE A 91 -5.43 -0.46 4.41
C ILE A 91 -6.74 -1.01 3.83
N PRO A 92 -7.32 -0.35 2.80
CA PRO A 92 -8.60 -0.84 2.32
C PRO A 92 -8.54 -2.29 1.91
N SER A 93 -9.53 -3.03 2.38
CA SER A 93 -9.59 -4.47 2.17
C SER A 93 -9.64 -4.86 0.71
N ASN A 94 -10.07 -3.95 -0.19
CA ASN A 94 -10.16 -4.17 -1.63
C ASN A 94 -8.98 -3.67 -2.47
N LEU A 95 -7.83 -3.37 -1.85
CA LEU A 95 -6.71 -2.91 -2.68
C LEU A 95 -6.23 -3.98 -3.64
N GLY A 96 -6.54 -5.24 -3.34
CA GLY A 96 -6.26 -6.32 -4.27
C GLY A 96 -7.04 -6.26 -5.58
N ASP A 97 -8.02 -5.34 -5.66
CA ASP A 97 -8.74 -5.07 -6.91
C ASP A 97 -7.77 -4.50 -7.93
N LEU A 98 -6.66 -3.94 -7.44
CA LEU A 98 -5.77 -3.16 -8.31
C LEU A 98 -4.74 -4.09 -8.97
N THR A 99 -5.22 -4.94 -9.87
CA THR A 99 -4.43 -6.08 -10.32
C THR A 99 -3.21 -5.70 -11.17
N ASN A 100 -3.13 -4.45 -11.60
CA ASN A 100 -1.95 -3.98 -12.35
C ASN A 100 -0.88 -3.30 -11.49
N LEU A 101 -1.06 -3.27 -10.18
CA LEU A 101 -0.12 -2.62 -9.28
CA LEU A 101 -0.12 -2.62 -9.28
C LEU A 101 1.23 -3.32 -9.33
N VAL A 102 2.29 -2.53 -9.50
CA VAL A 102 3.66 -3.04 -9.40
C VAL A 102 4.39 -2.49 -8.16
N SER A 103 3.87 -1.42 -7.57
CA SER A 103 4.45 -0.88 -6.34
C SER A 103 3.38 -0.36 -5.39
N LEU A 104 3.40 -0.87 -4.17
CA LEU A 104 2.51 -0.44 -3.11
C LEU A 104 3.37 0.01 -1.95
N ASP A 105 3.52 1.34 -1.83
CA ASP A 105 4.43 1.96 -0.89
C ASP A 105 3.64 2.79 0.11
N LEU A 106 3.36 2.18 1.25
CA LEU A 106 2.60 2.80 2.35
C LEU A 106 3.45 3.01 3.60
N TYR A 107 4.74 2.81 3.49
CA TYR A 107 5.63 2.87 4.64
C TYR A 107 5.72 4.26 5.27
N LEU A 108 6.08 4.30 6.56
CA LEU A 108 6.22 5.54 7.31
C LEU A 108 4.90 6.30 7.34
N ASN A 109 3.88 5.61 7.81
CA ASN A 109 2.55 6.18 8.03
C ASN A 109 2.02 5.71 9.38
N SER A 110 0.72 5.83 9.59
CA SER A 110 0.10 5.38 10.83
C SER A 110 -1.04 4.40 10.59
N PHE A 111 -0.88 3.55 9.58
CA PHE A 111 -1.91 2.58 9.25
C PHE A 111 -2.01 1.56 10.37
N SER A 112 -3.23 1.13 10.64
CA SER A 112 -3.47 0.14 11.71
C SER A 112 -4.36 -0.95 11.13
N GLY A 113 -4.70 -1.93 11.93
CA GLY A 113 -5.49 -3.05 11.45
C GLY A 113 -4.59 -4.02 10.69
N PRO A 114 -5.20 -5.02 10.05
CA PRO A 114 -4.46 -6.10 9.39
C PRO A 114 -4.03 -5.77 7.99
N ILE A 115 -3.05 -6.53 7.51
CA ILE A 115 -2.71 -6.56 6.09
C ILE A 115 -3.84 -7.32 5.37
N PRO A 116 -4.47 -6.67 4.37
CA PRO A 116 -5.59 -7.37 3.71
C PRO A 116 -5.16 -8.63 2.99
N GLU A 117 -5.95 -9.69 3.16
CA GLU A 117 -5.73 -10.95 2.44
C GLU A 117 -5.76 -10.70 0.92
N SER A 118 -6.53 -9.71 0.47
CA SER A 118 -6.65 -9.45 -0.97
C SER A 118 -5.35 -9.02 -1.65
N LEU A 119 -4.36 -8.57 -0.89
CA LEU A 119 -3.09 -8.17 -1.49
C LEU A 119 -2.44 -9.33 -2.22
N GLY A 120 -2.79 -10.56 -1.87
CA GLY A 120 -2.27 -11.72 -2.56
C GLY A 120 -2.70 -11.84 -4.01
N LYS A 121 -3.70 -11.05 -4.40
CA LYS A 121 -4.18 -11.02 -5.77
C LYS A 121 -3.34 -10.08 -6.67
N LEU A 122 -2.39 -9.38 -6.06
CA LEU A 122 -1.55 -8.43 -6.78
C LEU A 122 -0.40 -9.18 -7.48
N SER A 123 -0.75 -9.86 -8.56
CA SER A 123 0.14 -10.87 -9.16
C SER A 123 1.33 -10.27 -9.93
N LYS A 124 1.40 -8.94 -10.03
CA LYS A 124 2.47 -8.26 -10.77
C LYS A 124 3.31 -7.42 -9.82
N LEU A 125 3.00 -7.47 -8.55
CA LEU A 125 3.64 -6.59 -7.60
C LEU A 125 5.16 -6.88 -7.44
N ARG A 126 5.96 -5.80 -7.53
CA ARG A 126 7.41 -5.88 -7.28
C ARG A 126 7.83 -5.33 -5.91
N PHE A 127 7.23 -4.22 -5.51
CA PHE A 127 7.52 -3.54 -4.23
C PHE A 127 6.32 -3.59 -3.32
N LEU A 128 6.50 -4.14 -2.13
CA LEU A 128 5.49 -4.11 -1.08
C LEU A 128 6.15 -3.62 0.19
N ARG A 129 6.01 -2.32 0.45
CA ARG A 129 6.72 -1.69 1.56
C ARG A 129 5.70 -1.06 2.48
N LEU A 130 5.46 -1.73 3.59
CA LEU A 130 4.46 -1.37 4.60
C LEU A 130 5.10 -1.10 5.95
N ASN A 131 6.42 -1.01 5.98
CA ASN A 131 7.14 -0.86 7.24
C ASN A 131 6.83 0.46 7.93
N ASN A 132 7.04 0.49 9.26
CA ASN A 132 6.91 1.70 10.04
C ASN A 132 5.47 2.22 10.01
N ASN A 133 4.56 1.31 10.35
CA ASN A 133 3.16 1.58 10.58
C ASN A 133 2.77 0.94 11.92
N SER A 134 1.47 0.76 12.15
CA SER A 134 0.97 0.08 13.35
C SER A 134 0.07 -1.09 12.97
N LEU A 135 0.50 -1.83 11.94
CA LEU A 135 -0.28 -2.94 11.45
C LEU A 135 -0.24 -4.09 12.44
N THR A 136 -1.34 -4.81 12.56
CA THR A 136 -1.49 -5.88 13.51
C THR A 136 -1.97 -7.17 12.84
N GLY A 137 -2.00 -8.25 13.60
CA GLY A 137 -2.47 -9.52 13.08
C GLY A 137 -1.38 -10.30 12.37
N SER A 138 -1.81 -11.35 11.66
CA SER A 138 -0.85 -12.22 10.99
C SER A 138 -0.63 -11.79 9.56
N ILE A 139 0.50 -12.20 9.00
CA ILE A 139 0.79 -11.91 7.60
C ILE A 139 0.00 -12.91 6.74
N PRO A 140 -0.83 -12.40 5.80
CA PRO A 140 -1.60 -13.34 4.96
C PRO A 140 -0.71 -14.26 4.13
N MET A 141 -1.00 -15.55 4.18
CA MET A 141 -0.26 -16.53 3.42
C MET A 141 -0.38 -16.28 1.92
N SER A 142 -1.47 -15.62 1.53
CA SER A 142 -1.73 -15.28 0.14
C SER A 142 -0.58 -14.48 -0.45
N LEU A 143 0.17 -13.77 0.38
CA LEU A 143 1.27 -12.97 -0.15
C LEU A 143 2.36 -13.82 -0.78
N THR A 144 2.49 -15.06 -0.33
CA THR A 144 3.51 -15.92 -0.89
C THR A 144 3.19 -16.30 -2.34
N GLN A 145 1.94 -16.08 -2.74
CA GLN A 145 1.49 -16.36 -4.11
C GLN A 145 2.01 -15.34 -5.10
N ILE A 146 2.51 -14.22 -4.60
CA ILE A 146 2.97 -13.13 -5.48
C ILE A 146 4.38 -13.48 -5.94
N THR A 147 4.48 -14.12 -7.10
CA THR A 147 5.75 -14.66 -7.55
C THR A 147 6.74 -13.59 -8.02
N THR A 148 6.24 -12.39 -8.29
CA THR A 148 7.03 -11.28 -8.82
C THR A 148 7.69 -10.43 -7.73
N LEU A 149 7.39 -10.68 -6.46
CA LEU A 149 7.83 -9.80 -5.39
C LEU A 149 9.36 -9.76 -5.28
N GLN A 150 9.92 -8.54 -5.22
CA GLN A 150 11.38 -8.35 -5.17
C GLN A 150 11.82 -7.55 -3.94
N VAL A 151 10.97 -6.70 -3.44
CA VAL A 151 11.30 -5.86 -2.30
C VAL A 151 10.09 -5.92 -1.38
N LEU A 152 10.31 -6.46 -0.19
CA LEU A 152 9.26 -6.64 0.79
C LEU A 152 9.79 -6.08 2.10
N ASP A 153 9.03 -5.18 2.71
CA ASP A 153 9.42 -4.68 4.02
C ASP A 153 8.17 -4.52 4.86
N LEU A 154 8.05 -5.37 5.87
CA LEU A 154 6.96 -5.35 6.84
C LEU A 154 7.48 -5.01 8.23
N SER A 155 8.73 -4.56 8.31
CA SER A 155 9.37 -4.31 9.61
C SER A 155 8.72 -3.16 10.35
N ASN A 156 8.94 -3.12 11.66
CA ASN A 156 8.50 -1.98 12.46
C ASN A 156 6.99 -1.81 12.38
N ASN A 157 6.27 -2.89 12.69
CA ASN A 157 4.83 -2.90 12.85
C ASN A 157 4.52 -3.67 14.14
N ARG A 158 3.27 -4.13 14.32
CA ARG A 158 2.86 -4.93 15.49
C ARG A 158 2.28 -6.28 15.04
N LEU A 159 2.91 -6.88 14.02
CA LEU A 159 2.46 -8.12 13.45
C LEU A 159 2.85 -9.30 14.34
N SER A 160 2.08 -10.37 14.25
CA SER A 160 2.32 -11.54 15.10
C SER A 160 2.01 -12.80 14.32
N GLY A 161 2.50 -13.92 14.81
CA GLY A 161 2.18 -15.22 14.24
C GLY A 161 3.29 -15.73 13.36
N SER A 162 2.98 -16.84 12.68
CA SER A 162 3.95 -17.54 11.88
C SER A 162 4.19 -16.87 10.55
N VAL A 163 5.45 -16.86 10.12
CA VAL A 163 5.81 -16.38 8.79
C VAL A 163 6.43 -17.55 8.01
N PRO A 164 5.85 -17.89 6.86
CA PRO A 164 6.33 -19.01 6.04
C PRO A 164 7.58 -18.64 5.26
N ASP A 165 8.37 -19.63 4.85
CA ASP A 165 9.54 -19.36 4.04
C ASP A 165 9.38 -19.90 2.64
N ASN A 166 8.13 -20.09 2.22
CA ASN A 166 7.84 -20.68 0.90
C ASN A 166 7.33 -19.64 -0.10
N GLY A 167 7.11 -20.07 -1.34
CA GLY A 167 6.70 -19.15 -2.38
C GLY A 167 7.74 -18.04 -2.51
N SER A 168 7.29 -16.80 -2.67
CA SER A 168 8.24 -15.69 -2.84
C SER A 168 8.91 -15.28 -1.53
N PHE A 169 8.35 -15.71 -0.40
CA PHE A 169 8.97 -15.39 0.89
C PHE A 169 10.31 -16.09 1.08
N SER A 170 10.58 -17.09 0.25
CA SER A 170 11.86 -17.78 0.32
C SER A 170 12.98 -16.83 -0.09
N LEU A 171 12.63 -15.72 -0.71
CA LEU A 171 13.62 -14.76 -1.18
C LEU A 171 14.11 -13.83 -0.08
N PHE A 172 13.35 -13.73 1.01
CA PHE A 172 13.55 -12.66 1.97
C PHE A 172 14.20 -13.16 3.25
N THR A 173 14.72 -12.21 4.01
CA THR A 173 15.53 -12.47 5.19
C THR A 173 14.93 -11.73 6.37
N PRO A 174 15.46 -11.94 7.58
CA PRO A 174 14.83 -11.37 8.76
C PRO A 174 14.66 -9.87 8.76
N ILE A 175 15.49 -9.10 8.05
CA ILE A 175 15.36 -7.65 8.07
CA ILE A 175 15.39 -7.64 8.01
C ILE A 175 14.02 -7.20 7.48
N SER A 176 13.41 -8.01 6.63
CA SER A 176 12.11 -7.68 6.05
C SER A 176 10.98 -7.80 7.09
N PHE A 177 11.25 -8.43 8.22
CA PHE A 177 10.20 -8.76 9.21
C PHE A 177 10.53 -8.24 10.60
N ALA A 178 11.63 -7.52 10.72
CA ALA A 178 12.18 -7.20 12.03
C ALA A 178 11.30 -6.25 12.81
N ASN A 179 11.43 -6.31 14.13
CA ASN A 179 10.76 -5.38 15.03
C ASN A 179 9.26 -5.34 14.87
N ASN A 180 8.66 -6.51 14.94
CA ASN A 180 7.23 -6.67 15.04
C ASN A 180 6.84 -7.11 16.44
N LEU A 181 5.58 -7.43 16.64
CA LEU A 181 5.11 -7.76 17.98
C LEU A 181 5.57 -9.17 18.37
N ASP A 182 5.25 -10.16 17.55
CA ASP A 182 5.59 -11.55 17.91
C ASP A 182 5.54 -12.46 16.71
N LEU A 183 6.38 -12.18 15.72
CA LEU A 183 6.53 -13.05 14.57
C LEU A 183 7.47 -14.18 14.88
N CYS A 184 7.20 -15.32 14.28
CA CYS A 184 8.07 -16.48 14.43
C CYS A 184 8.14 -17.21 13.10
N GLY A 185 9.15 -18.05 12.96
CA GLY A 185 9.28 -18.86 11.76
C GLY A 185 10.67 -18.74 11.18
N PRO A 186 10.93 -19.52 10.12
CA PRO A 186 12.27 -19.63 9.49
CA PRO A 186 12.29 -19.63 9.56
C PRO A 186 12.83 -18.33 8.92
N VAL A 187 11.96 -17.46 8.41
CA VAL A 187 12.43 -16.21 7.79
C VAL A 187 12.61 -15.10 8.83
N THR A 188 12.10 -15.34 10.03
CA THR A 188 12.28 -14.44 11.16
C THR A 188 13.43 -14.93 12.01
N SER A 189 13.71 -14.22 13.10
CA SER A 189 14.83 -14.57 13.97
C SER A 189 14.40 -15.43 15.18
N HIS A 190 13.19 -16.00 15.11
CA HIS A 190 12.66 -16.80 16.21
CA HIS A 190 12.68 -16.82 16.19
C HIS A 190 11.88 -18.02 15.69
N PRO A 191 12.26 -19.25 16.10
CA PRO A 191 11.44 -20.38 15.63
C PRO A 191 10.06 -20.41 16.30
N CYS A 192 9.03 -20.90 15.61
CA CYS A 192 7.69 -20.99 16.20
C CYS A 192 7.67 -22.09 17.25
N PRO A 193 7.05 -21.82 18.41
CA PRO A 193 7.09 -22.82 19.47
C PRO A 193 6.45 -24.14 19.08
N GLY A 194 5.42 -24.09 18.24
CA GLY A 194 4.75 -25.30 17.80
C GLY A 194 5.31 -25.83 16.48
C1 NAG B . 3.99 11.82 11.28
C2 NAG B . 4.39 11.18 12.60
C3 NAG B . 5.52 11.98 13.22
C4 NAG B . 6.70 11.97 12.26
C5 NAG B . 6.27 12.43 10.87
C6 NAG B . 7.35 12.25 9.84
C7 NAG B . 3.09 9.97 14.27
C8 NAG B . 1.91 10.00 15.19
N2 NAG B . 3.29 11.06 13.53
O3 NAG B . 5.90 11.41 14.47
O4 NAG B . 7.64 12.93 12.74
O5 NAG B . 5.10 11.73 10.37
O6 NAG B . 6.81 12.55 8.57
O7 NAG B . 3.82 8.98 14.17
C1 NAG B . 8.95 12.40 12.93
C2 NAG B . 9.92 13.57 12.97
C3 NAG B . 11.36 13.04 13.08
C4 NAG B . 11.50 11.95 14.13
C5 NAG B . 10.30 10.99 14.19
C6 NAG B . 10.27 10.17 15.46
C7 NAG B . 9.16 15.61 11.81
C8 NAG B . 9.11 16.34 10.51
N2 NAG B . 9.78 14.41 11.80
O3 NAG B . 12.20 14.13 13.42
O4 NAG B . 12.58 11.09 13.75
O5 NAG B . 9.06 11.68 14.10
O6 NAG B . 9.38 9.07 15.36
O7 NAG B . 8.66 16.07 12.85
C1 BMA B . 13.88 11.22 14.37
C2 BMA B . 14.57 12.55 14.33
C3 BMA B . 16.06 12.20 14.34
C4 BMA B . 16.40 10.72 14.84
C5 BMA B . 15.28 9.97 15.69
C6 BMA B . 15.66 9.72 17.14
O2 BMA B . 14.33 13.31 15.50
O3 BMA B . 16.82 13.17 15.06
O4 BMA B . 16.77 9.90 13.74
O5 BMA B . 14.03 10.67 15.64
O6 BMA B . 14.96 8.56 17.60
C1 FUC B . 7.30 13.82 8.11
C2 FUC B . 6.96 13.89 6.63
C3 FUC B . 5.42 13.96 6.47
C4 FUC B . 4.92 15.19 7.19
C5 FUC B . 5.29 15.06 8.67
C6 FUC B . 4.91 16.28 9.52
O2 FUC B . 7.52 12.75 5.93
O3 FUC B . 5.04 14.12 5.12
O4 FUC B . 5.60 16.31 6.62
O5 FUC B . 6.73 14.90 8.82
C1 NAG C . 11.11 2.80 11.70
C2 NAG C . 12.04 4.02 11.74
C3 NAG C . 13.23 3.72 12.63
C4 NAG C . 12.76 3.33 14.02
C5 NAG C . 11.75 2.19 13.96
C6 NAG C . 11.07 1.95 15.29
C7 NAG C . 12.41 5.66 9.94
C8 NAG C . 12.91 5.88 8.55
N2 NAG C . 12.48 4.40 10.41
O3 NAG C . 14.06 4.89 12.70
O4 NAG C . 13.87 2.89 14.80
O5 NAG C . 10.69 2.49 13.03
O6 NAG C . 11.12 0.58 15.65
O7 NAG C . 11.95 6.57 10.63
C1 NAG D . 3.14 -21.63 1.10
C2 NAG D . 1.96 -21.61 0.13
C3 NAG D . 0.70 -21.15 0.84
C4 NAG D . 0.44 -22.01 2.07
C5 NAG D . 1.68 -22.06 2.97
C6 NAG D . 1.55 -23.00 4.13
C7 NAG D . 2.81 -21.21 -2.15
C8 NAG D . 3.00 -20.19 -3.23
N2 NAG D . 2.24 -20.77 -1.02
O3 NAG D . -0.41 -21.24 -0.05
O4 NAG D . -0.64 -21.48 2.82
O5 NAG D . 2.82 -22.49 2.21
O6 NAG D . 1.45 -24.35 3.70
O7 NAG D . 3.16 -22.38 -2.28
#